data_5ZA7
#
_entry.id   5ZA7
#
_cell.length_a   120.462
_cell.length_b   120.462
_cell.length_c   42.355
_cell.angle_alpha   90.00
_cell.angle_beta   90.00
_cell.angle_gamma   120.00
#
_symmetry.space_group_name_H-M   'H 3'
#
loop_
_entity.id
_entity.type
_entity.pdbx_description
1 polymer 'Urokinase-type plasminogen activator chain B'
2 non-polymer 3-azanyl-5-(azepan-1-yl)-N-[bis(azanyl)methylidene]-6-chloranyl-pyrazine-2-carboxamide
3 non-polymer 'SULFATE ION'
4 water water
#
_entity_poly.entity_id   1
_entity_poly.type   'polypeptide(L)'
_entity_poly.pdbx_seq_one_letter_code
;IIGGEFTTIENQPWFAAIYRRHRGGSVTYVCGGSLISPCWVISATHCFIDYPKKEDYIVYLGRSRLNSNTQGEMKFEVEN
LILHKDYSADTLAHHNDIALLKIRSKEGRCAQPSRTIQTIALPSMYNDPQFGTSCEITGFGKEQSTDYLYPEQLKMTVVK
LISHRECQQPHYYGSEVTTKMLCAADPQWKTDSCQGDSGGPLVCSLQGRMTLTGIVSWGRGCALKDKPGVYTRVSHFLPW
IRSHTKEENGLAL
;
_entity_poly.pdbx_strand_id   U
#
loop_
_chem_comp.id
_chem_comp.type
_chem_comp.name
_chem_comp.formula
HMX non-polymer 3-azanyl-5-(azepan-1-yl)-N-[bis(azanyl)methylidene]-6-chloranyl-pyrazine-2-carboxamide 'C12 H18 Cl N7 O'
SO4 non-polymer 'SULFATE ION' 'O4 S -2'
#
# COMPACT_ATOMS: atom_id res chain seq x y z
N ILE A 1 -1.07 8.47 -7.24
CA ILE A 1 0.32 8.96 -7.38
C ILE A 1 0.36 10.31 -8.10
N ILE A 2 0.84 11.32 -7.38
CA ILE A 2 1.03 12.65 -7.93
C ILE A 2 2.39 12.60 -8.59
N GLY A 3 2.47 13.04 -9.85
CA GLY A 3 3.72 12.98 -10.58
C GLY A 3 4.12 11.55 -10.91
N GLY A 4 5.42 11.30 -10.90
CA GLY A 4 5.94 9.99 -11.26
C GLY A 4 5.69 9.64 -12.70
N GLU A 5 5.56 8.34 -12.95
CA GLU A 5 5.48 7.78 -14.30
C GLU A 5 4.41 6.70 -14.33
N PHE A 6 3.78 6.48 -15.46
CA PHE A 6 3.00 5.28 -15.65
C PHE A 6 3.93 4.09 -15.74
N THR A 7 3.40 2.94 -15.34
CA THR A 7 4.15 1.71 -15.32
C THR A 7 3.19 0.58 -15.65
N THR A 8 3.71 -0.63 -15.71
CA THR A 8 2.88 -1.80 -15.85
C THR A 8 3.23 -2.73 -14.73
N ILE A 9 2.42 -3.76 -14.56
CA ILE A 9 2.53 -4.63 -13.40
C ILE A 9 3.84 -5.43 -13.37
N GLU A 10 4.46 -5.67 -14.53
CA GLU A 10 5.77 -6.36 -14.54
C GLU A 10 6.82 -5.65 -13.68
N ASN A 11 6.72 -4.32 -13.56
CA ASN A 11 7.65 -3.55 -12.75
C ASN A 11 7.39 -3.56 -11.24
N GLN A 12 6.21 -4.00 -10.86
CA GLN A 12 5.80 -4.06 -9.47
C GLN A 12 4.88 -5.26 -9.31
N PRO A 13 5.40 -6.47 -9.60
CA PRO A 13 4.52 -7.63 -9.77
C PRO A 13 3.90 -8.17 -8.47
N TRP A 14 4.29 -7.61 -7.34
CA TRP A 14 3.66 -7.89 -6.04
C TRP A 14 2.45 -7.01 -5.80
N PHE A 15 2.22 -6.03 -6.66
CA PHE A 15 1.11 -5.10 -6.41
C PHE A 15 -0.24 -5.79 -6.56
N ALA A 16 -1.08 -5.61 -5.53
CA ALA A 16 -2.43 -6.16 -5.51
C ALA A 16 -3.45 -5.04 -5.63
N ALA A 17 -4.46 -5.26 -6.45
CA ALA A 17 -5.55 -4.30 -6.65
C ALA A 17 -6.81 -4.80 -5.95
N ILE A 18 -7.30 -4.03 -4.96
CA ILE A 18 -8.40 -4.47 -4.12
C ILE A 18 -9.67 -3.67 -4.42
N TYR A 19 -10.75 -4.38 -4.72
CA TYR A 19 -12.04 -3.81 -5.05
C TYR A 19 -13.15 -4.29 -4.10
N ARG A 20 -14.25 -3.54 -4.06
CA ARG A 20 -15.42 -3.89 -3.26
C ARG A 20 -16.67 -3.97 -4.09
N ARG A 21 -17.47 -4.99 -3.89
CA ARG A 21 -18.73 -5.07 -4.62
C ARG A 21 -19.84 -4.49 -3.78
N HIS A 22 -20.64 -3.63 -4.36
CA HIS A 22 -21.76 -3.00 -3.69
C HIS A 22 -22.99 -3.85 -3.84
N ARG A 23 -23.99 -3.61 -2.97
CA ARG A 23 -25.32 -4.26 -3.02
C ARG A 23 -26.10 -3.98 -4.30
N GLY A 24 -25.89 -2.81 -4.86
CA GLY A 24 -26.25 -2.49 -6.22
C GLY A 24 -25.60 -3.22 -7.40
N GLY A 25 -24.51 -3.93 -7.12
CA GLY A 25 -23.89 -4.87 -8.02
C GLY A 25 -22.63 -4.29 -8.64
N SER A 26 -22.46 -2.97 -8.50
CA SER A 26 -21.32 -2.22 -9.01
C SER A 26 -20.07 -2.55 -8.21
N VAL A 27 -18.90 -2.47 -8.83
CA VAL A 27 -17.64 -2.78 -8.19
C VAL A 27 -16.76 -1.55 -8.28
N THR A 28 -16.17 -1.14 -7.16
CA THR A 28 -15.35 0.04 -7.11
C THR A 28 -13.99 -0.24 -6.51
N TYR A 29 -12.99 0.52 -6.93
CA TYR A 29 -11.66 0.36 -6.38
C TYR A 29 -11.60 0.86 -4.95
N VAL A 30 -10.90 0.09 -4.10
CA VAL A 30 -10.74 0.38 -2.68
C VAL A 30 -9.32 0.90 -2.38
N CYS A 31 -8.33 0.03 -2.57
CA CYS A 31 -6.97 0.29 -2.12
C CYS A 31 -6.01 -0.67 -2.81
N GLY A 32 -4.72 -0.37 -2.71
CA GLY A 32 -3.67 -1.28 -3.11
C GLY A 32 -3.30 -2.26 -2.00
N GLY A 33 -2.43 -3.20 -2.32
CA GLY A 33 -1.87 -4.11 -1.33
C GLY A 33 -0.62 -4.71 -1.96
N SER A 34 0.08 -5.57 -1.21
CA SER A 34 1.26 -6.26 -1.72
C SER A 34 1.23 -7.74 -1.39
N LEU A 35 1.59 -8.56 -2.37
CA LEU A 35 1.65 -10.01 -2.19
C LEU A 35 2.93 -10.36 -1.44
N ILE A 36 2.79 -10.99 -0.27
CA ILE A 36 3.93 -11.34 0.55
C ILE A 36 4.15 -12.86 0.63
N SER A 37 3.14 -13.62 0.23
CA SER A 37 3.27 -15.06 0.00
C SER A 37 2.10 -15.46 -0.89
N PRO A 38 2.14 -16.66 -1.46
CA PRO A 38 1.09 -16.99 -2.42
C PRO A 38 -0.34 -16.77 -1.95
N CYS A 39 -0.65 -16.99 -0.67
CA CYS A 39 -2.03 -16.84 -0.18
C CYS A 39 -2.30 -15.53 0.58
N TRP A 40 -1.31 -14.66 0.71
CA TRP A 40 -1.44 -13.48 1.58
C TRP A 40 -1.06 -12.16 0.96
N VAL A 41 -2.01 -11.23 0.99
CA VAL A 41 -1.80 -9.83 0.59
C VAL A 41 -1.84 -8.95 1.83
N ILE A 42 -0.89 -8.02 1.92
CA ILE A 42 -0.84 -7.09 3.05
C ILE A 42 -1.27 -5.72 2.56
N SER A 43 -2.05 -5.04 3.39
CA SER A 43 -2.61 -3.72 3.03
C SER A 43 -2.75 -2.85 4.29
N ALA A 44 -3.68 -1.88 4.26
CA ALA A 44 -3.92 -0.96 5.38
C ALA A 44 -5.32 -1.19 5.94
N THR A 45 -5.43 -1.30 7.27
CA THR A 45 -6.74 -1.46 7.92
C THR A 45 -7.76 -0.37 7.56
N HIS A 46 -7.34 0.89 7.41
CA HIS A 46 -8.33 1.96 7.18
C HIS A 46 -9.11 1.75 5.87
N CYS A 47 -8.56 0.92 5.02
CA CYS A 47 -9.18 0.60 3.78
C CYS A 47 -10.48 -0.18 3.95
N PHE A 48 -10.55 -1.00 4.97
CA PHE A 48 -11.66 -1.90 5.15
C PHE A 48 -12.51 -1.67 6.39
N ILE A 49 -12.11 -0.73 7.21
CA ILE A 49 -12.70 -0.61 8.53
C ILE A 49 -14.19 -0.29 8.52
N ASP A 50 -14.62 0.48 7.55
CA ASP A 50 -16.01 0.83 7.29
C ASP A 50 -16.89 -0.32 6.81
N TYR A 51 -16.30 -1.21 6.01
CA TYR A 51 -16.99 -2.33 5.38
C TYR A 51 -16.19 -3.58 5.60
N PRO A 52 -16.27 -4.06 6.92
CA PRO A 52 -15.33 -5.13 7.21
C PRO A 52 -15.73 -6.53 6.84
N LYS A 53 -16.79 -6.70 6.07
CA LYS A 53 -17.16 -8.00 5.61
C LYS A 53 -16.27 -8.51 4.46
N LYS A 54 -15.57 -9.60 4.70
CA LYS A 54 -14.65 -10.12 3.72
C LYS A 54 -15.35 -10.44 2.43
N GLU A 55 -16.61 -10.83 2.47
CA GLU A 55 -17.28 -11.29 1.24
C GLU A 55 -17.43 -10.25 0.18
N ASP A 56 -17.37 -8.98 0.55
CA ASP A 56 -17.62 -7.92 -0.36
C ASP A 56 -16.42 -7.59 -1.22
N TYR A 57 -15.27 -8.21 -0.97
CA TYR A 57 -14.03 -7.80 -1.57
C TYR A 57 -13.51 -8.73 -2.63
N ILE A 58 -12.85 -8.13 -3.60
CA ILE A 58 -12.23 -8.86 -4.70
C ILE A 58 -10.80 -8.37 -4.82
N VAL A 59 -9.89 -9.30 -5.00
CA VAL A 59 -8.47 -8.94 -5.11
C VAL A 59 -7.97 -9.43 -6.45
N TYR A 60 -7.29 -8.55 -7.19
CA TYR A 60 -6.59 -8.94 -8.41
C TYR A 60 -5.09 -8.86 -8.22
N LEU A 61 -4.40 -9.82 -8.84
CA LEU A 61 -2.98 -9.78 -9.03
C LEU A 61 -2.69 -9.79 -10.52
N GLY A 62 -1.52 -9.28 -10.88
CA GLY A 62 -1.12 -9.17 -12.29
C GLY A 62 -1.96 -8.21 -13.10
N ARG A 63 -2.52 -7.19 -12.43
CA ARG A 63 -3.39 -6.23 -13.09
C ARG A 63 -2.70 -4.85 -13.22
N SER A 64 -2.70 -4.31 -14.44
CA SER A 64 -2.01 -3.05 -14.78
C SER A 64 -2.99 -1.89 -15.01
N ARG A 65 -4.26 -2.21 -15.20
CA ARG A 65 -5.29 -1.22 -15.46
C ARG A 65 -6.47 -1.36 -14.51
N LEU A 66 -7.12 -0.24 -14.24
CA LEU A 66 -8.12 -0.19 -13.19
C LEU A 66 -9.44 -0.84 -13.57
N ASN A 67 -9.91 -0.57 -14.78
CA ASN A 67 -11.23 -1.01 -15.20
C ASN A 67 -11.27 -1.88 -16.45
N SER A 68 -10.10 -2.35 -16.87
CA SER A 68 -10.04 -3.38 -17.90
C SER A 68 -9.14 -4.49 -17.44
N ASN A 69 -9.32 -5.65 -18.05
CA ASN A 69 -8.57 -6.81 -17.66
C ASN A 69 -7.18 -6.68 -18.27
N THR A 70 -6.19 -7.19 -17.54
CA THR A 70 -4.84 -7.32 -18.03
C THR A 70 -4.61 -8.79 -18.31
N GLN A 71 -4.00 -9.08 -19.46
CA GLN A 71 -3.64 -10.45 -19.79
C GLN A 71 -2.75 -11.06 -18.70
N GLY A 72 -3.16 -12.23 -18.22
CA GLY A 72 -2.43 -12.98 -17.22
C GLY A 72 -2.89 -12.74 -15.78
N GLU A 73 -3.86 -11.85 -15.59
CA GLU A 73 -4.28 -11.49 -14.24
C GLU A 73 -4.99 -12.66 -13.52
N MET A 74 -4.96 -12.64 -12.20
CA MET A 74 -5.73 -13.59 -11.40
C MET A 74 -6.66 -12.83 -10.46
N LYS A 75 -7.84 -13.40 -10.25
CA LYS A 75 -8.90 -12.78 -9.45
C LYS A 75 -9.18 -13.68 -8.23
N PHE A 76 -9.29 -13.07 -7.05
CA PHE A 76 -9.51 -13.84 -5.82
C PHE A 76 -10.62 -13.29 -4.96
N GLU A 77 -11.30 -14.21 -4.27
CA GLU A 77 -12.13 -13.86 -3.11
C GLU A 77 -11.24 -13.70 -1.90
N VAL A 78 -11.78 -13.10 -0.84
CA VAL A 78 -11.03 -12.92 0.40
C VAL A 78 -11.51 -13.95 1.42
N GLU A 79 -10.66 -14.94 1.66
CA GLU A 79 -10.96 -16.01 2.61
C GLU A 79 -10.91 -15.53 4.06
N ASN A 80 -9.90 -14.71 4.37
CA ASN A 80 -9.80 -14.08 5.68
C ASN A 80 -9.48 -12.60 5.50
N LEU A 81 -10.15 -11.75 6.26
CA LEU A 81 -9.80 -10.33 6.33
C LEU A 81 -9.40 -10.02 7.77
N ILE A 82 -8.12 -9.75 7.98
CA ILE A 82 -7.54 -9.58 9.31
C ILE A 82 -7.10 -8.14 9.49
N LEU A 83 -7.83 -7.41 10.33
CA LEU A 83 -7.52 -6.02 10.65
C LEU A 83 -6.77 -5.97 11.96
N HIS A 84 -5.97 -4.92 12.16
CA HIS A 84 -5.13 -4.87 13.34
C HIS A 84 -5.96 -4.38 14.51
N LYS A 85 -5.94 -5.15 15.60
CA LYS A 85 -6.85 -4.89 16.73
C LYS A 85 -6.58 -3.58 17.47
N ASP A 86 -5.36 -3.06 17.35
CA ASP A 86 -4.99 -1.77 17.93
C ASP A 86 -5.05 -0.61 16.95
N TYR A 87 -5.76 -0.78 15.84
CA TYR A 87 -6.01 0.31 14.93
C TYR A 87 -6.69 1.49 15.64
N SER A 88 -6.31 2.68 15.25
CA SER A 88 -7.03 3.82 15.71
C SER A 88 -6.83 4.95 14.77
N ALA A 89 -7.80 5.82 14.70
CA ALA A 89 -7.59 6.99 13.91
C ALA A 89 -7.96 8.32 14.56
N ASP A 90 -7.03 9.27 14.41
CA ASP A 90 -7.23 10.71 14.71
C ASP A 90 -7.79 11.29 13.38
N THR A 91 -8.05 12.60 13.39
CA THR A 91 -8.42 13.41 12.22
C THR A 91 -7.39 13.50 11.11
N LEU A 92 -6.12 13.18 11.43
CA LEU A 92 -5.24 12.73 10.40
C LEU A 92 -4.55 11.37 10.53
N ALA A 93 -3.87 11.12 11.62
CA ALA A 93 -3.12 9.87 11.69
C ALA A 93 -3.88 8.62 11.84
N HIS A 94 -3.40 7.57 11.22
CA HIS A 94 -3.92 6.25 11.35
C HIS A 94 -2.82 5.47 12.07
N HIS A 95 -3.14 4.86 13.18
CA HIS A 95 -2.19 4.08 13.94
C HIS A 95 -2.45 2.62 13.69
N ASN A 96 -1.38 1.83 13.68
CA ASN A 96 -1.46 0.39 13.37
C ASN A 96 -2.26 0.10 12.12
N ASP A 97 -1.94 0.84 11.08
CA ASP A 97 -2.73 0.83 9.86
C ASP A 97 -2.19 -0.27 8.95
N ILE A 98 -2.57 -1.50 9.26
CA ILE A 98 -2.02 -2.68 8.62
C ILE A 98 -3.09 -3.76 8.65
N ALA A 99 -3.23 -4.47 7.54
CA ALA A 99 -4.25 -5.50 7.38
C ALA A 99 -3.71 -6.64 6.55
N LEU A 100 -4.27 -7.83 6.73
CA LEU A 100 -3.89 -8.99 5.94
C LEU A 100 -5.15 -9.57 5.29
N LEU A 101 -5.02 -9.91 4.00
CA LEU A 101 -6.06 -10.56 3.27
C LEU A 101 -5.54 -11.91 2.82
N LYS A 102 -6.19 -12.98 3.25
CA LYS A 102 -5.92 -14.31 2.70
C LYS A 102 -6.78 -14.47 1.47
N ILE A 103 -6.13 -14.74 0.35
CA ILE A 103 -6.79 -14.81 -0.91
C ILE A 103 -7.04 -16.23 -1.37
N ARG A 104 -8.19 -16.41 -1.98
CA ARG A 104 -8.59 -17.69 -2.49
C ARG A 104 -9.43 -17.52 -3.73
N SER A 105 -9.07 -18.23 -4.79
CA SER A 105 -9.82 -18.19 -6.02
C SER A 105 -11.08 -19.03 -5.90
N LYS A 106 -11.99 -18.89 -6.87
CA LYS A 106 -13.25 -19.63 -6.96
C LYS A 106 -13.08 -21.18 -7.10
N GLU A 107 -11.96 -21.59 -7.66
CA GLU A 107 -11.39 -22.92 -7.57
C GLU A 107 -10.62 -23.26 -6.31
N GLY A 108 -10.49 -22.33 -5.37
CA GLY A 108 -9.75 -22.59 -4.16
C GLY A 108 -8.24 -22.64 -4.19
N ARG A 109 -7.66 -21.88 -5.09
CA ARG A 109 -6.24 -21.77 -5.19
C ARG A 109 -5.76 -20.39 -4.79
N CYS A 110 -4.49 -20.30 -4.44
CA CYS A 110 -3.83 -19.05 -4.15
C CYS A 110 -3.17 -18.53 -5.45
N ALA A 111 -2.29 -17.54 -5.33
CA ALA A 111 -1.57 -16.99 -6.49
C ALA A 111 -0.54 -17.97 -7.04
N GLN A 112 -0.43 -17.99 -8.35
CA GLN A 112 0.61 -18.73 -9.07
C GLN A 112 1.58 -17.68 -9.59
N PRO A 113 2.82 -17.70 -9.13
CA PRO A 113 3.75 -16.70 -9.63
C PRO A 113 4.01 -16.81 -11.13
N SER A 114 4.25 -15.66 -11.74
CA SER A 114 4.44 -15.53 -13.17
C SER A 114 5.29 -14.29 -13.43
N ARG A 115 5.39 -13.86 -14.69
CA ARG A 115 6.12 -12.64 -15.00
C ARG A 115 5.39 -11.43 -14.39
N THR A 116 4.07 -11.55 -14.22
CA THR A 116 3.26 -10.42 -13.74
C THR A 116 2.82 -10.56 -12.28
N ILE A 117 3.17 -11.68 -11.63
CA ILE A 117 2.71 -11.99 -10.27
C ILE A 117 3.86 -12.60 -9.46
N GLN A 118 4.38 -11.83 -8.50
CA GLN A 118 5.52 -12.26 -7.67
C GLN A 118 5.35 -11.73 -6.25
N THR A 119 5.95 -12.41 -5.28
CA THR A 119 5.95 -11.91 -3.91
C THR A 119 7.01 -10.85 -3.70
N ILE A 120 6.83 -10.03 -2.67
CA ILE A 120 7.83 -9.07 -2.24
C ILE A 120 8.34 -9.49 -0.87
N ALA A 121 9.64 -9.35 -0.65
CA ALA A 121 10.28 -9.75 0.59
C ALA A 121 9.97 -8.77 1.73
N LEU A 122 9.77 -9.32 2.92
CA LEU A 122 9.62 -8.49 4.10
C LEU A 122 10.98 -8.07 4.62
N PRO A 123 11.04 -6.93 5.32
CA PRO A 123 12.31 -6.51 5.91
C PRO A 123 12.66 -7.37 7.12
N SER A 124 13.93 -7.29 7.53
CA SER A 124 14.36 -7.83 8.82
C SER A 124 13.87 -6.89 9.91
N MET A 125 13.68 -7.42 11.11
CA MET A 125 13.06 -6.63 12.14
C MET A 125 13.87 -5.37 12.47
N TYR A 126 13.16 -4.26 12.63
CA TYR A 126 13.76 -2.99 13.01
C TYR A 126 14.93 -2.60 12.09
N ASN A 127 14.87 -3.04 10.82
CA ASN A 127 15.92 -2.81 9.83
C ASN A 127 15.36 -1.99 8.67
N ASP A 128 15.58 -0.68 8.73
CA ASP A 128 15.10 0.23 7.70
C ASP A 128 16.26 0.96 7.03
N PRO A 129 16.10 1.35 5.75
CA PRO A 129 17.14 2.12 5.10
C PRO A 129 17.36 3.47 5.80
N GLN A 130 18.53 4.07 5.62
CA GLN A 130 18.82 5.36 6.23
C GLN A 130 17.97 6.47 5.60
N PHE A 131 17.74 7.54 6.34
CA PHE A 131 17.04 8.69 5.78
C PHE A 131 17.77 9.17 4.54
N GLY A 132 17.02 9.70 3.58
CA GLY A 132 17.58 10.12 2.29
C GLY A 132 17.65 9.02 1.25
N THR A 133 17.39 7.78 1.65
CA THR A 133 17.32 6.66 0.70
C THR A 133 16.12 6.85 -0.20
N SER A 134 16.30 6.56 -1.48
CA SER A 134 15.22 6.59 -2.46
C SER A 134 14.46 5.26 -2.48
N CYS A 135 13.14 5.34 -2.37
CA CYS A 135 12.29 4.16 -2.47
C CYS A 135 11.16 4.43 -3.46
N GLU A 136 10.49 3.35 -3.88
CA GLU A 136 9.42 3.43 -4.88
C GLU A 136 8.07 3.24 -4.22
N ILE A 137 7.07 3.96 -4.74
CA ILE A 137 5.68 3.74 -4.36
C ILE A 137 4.84 3.51 -5.61
N THR A 138 3.78 2.73 -5.48
CA THR A 138 3.00 2.27 -6.64
C THR A 138 1.52 2.32 -6.28
N GLY A 139 0.68 2.73 -7.23
CA GLY A 139 -0.75 2.70 -7.00
C GLY A 139 -1.61 3.25 -8.12
N PHE A 140 -2.92 3.10 -7.95
CA PHE A 140 -3.95 3.65 -8.84
C PHE A 140 -4.60 4.89 -8.23
N GLY A 141 -3.95 5.50 -7.25
CA GLY A 141 -4.48 6.69 -6.58
C GLY A 141 -4.51 7.91 -7.48
N LYS A 142 -5.11 8.98 -6.97
CA LYS A 142 -5.27 10.18 -7.76
C LYS A 142 -3.94 10.75 -8.28
N GLU A 143 -4.01 11.37 -9.46
CA GLU A 143 -2.86 12.04 -10.10
C GLU A 143 -2.75 13.50 -9.71
N GLN A 144 -3.86 14.06 -9.27
CA GLN A 144 -3.92 15.40 -8.71
C GLN A 144 -4.92 15.35 -7.58
N SER A 145 -4.66 16.08 -6.51
CA SER A 145 -5.57 16.14 -5.39
C SER A 145 -7.01 16.50 -5.80
N THR A 146 -7.14 17.36 -6.81
CA THR A 146 -8.46 17.86 -7.25
C THR A 146 -9.17 16.96 -8.26
N ASP A 147 -8.51 15.88 -8.70
CA ASP A 147 -9.15 14.91 -9.60
C ASP A 147 -10.31 14.20 -8.93
N TYR A 148 -11.36 13.94 -9.71
CA TYR A 148 -12.46 13.10 -9.26
C TYR A 148 -12.14 11.65 -9.56
N LEU A 149 -11.56 11.43 -10.74
CA LEU A 149 -11.23 10.10 -11.23
C LEU A 149 -9.87 9.61 -10.74
N TYR A 150 -9.75 8.29 -10.67
CA TYR A 150 -8.45 7.64 -10.54
C TYR A 150 -7.90 7.33 -11.94
N PRO A 151 -6.56 7.24 -12.10
CA PRO A 151 -6.01 6.89 -13.40
C PRO A 151 -6.39 5.46 -13.77
N GLU A 152 -6.57 5.23 -15.06
CA GLU A 152 -6.84 3.89 -15.57
C GLU A 152 -5.59 3.02 -15.54
N GLN A 153 -4.42 3.65 -15.64
CA GLN A 153 -3.15 2.94 -15.77
C GLN A 153 -2.33 3.05 -14.47
N LEU A 154 -1.73 1.95 -14.05
CA LEU A 154 -0.93 1.94 -12.82
C LEU A 154 0.20 2.98 -12.89
N LYS A 155 0.53 3.59 -11.77
CA LYS A 155 1.63 4.54 -11.70
C LYS A 155 2.63 4.18 -10.63
N MET A 156 3.82 4.75 -10.74
CA MET A 156 4.80 4.64 -9.69
C MET A 156 5.67 5.88 -9.67
N THR A 157 6.28 6.14 -8.52
CA THR A 157 7.21 7.23 -8.39
C THR A 157 8.25 6.93 -7.34
N VAL A 158 9.17 7.87 -7.18
CA VAL A 158 10.25 7.72 -6.22
C VAL A 158 10.13 8.81 -5.17
N VAL A 159 10.27 8.43 -3.91
CA VAL A 159 10.30 9.37 -2.82
C VAL A 159 11.48 9.01 -1.91
N LYS A 160 11.99 9.99 -1.18
CA LYS A 160 13.09 9.76 -0.26
C LYS A 160 12.60 9.68 1.19
N LEU A 161 13.14 8.71 1.93
CA LEU A 161 12.85 8.56 3.34
C LEU A 161 13.28 9.81 4.11
N ILE A 162 12.40 10.23 5.03
CA ILE A 162 12.63 11.38 5.88
C ILE A 162 12.88 10.88 7.31
N SER A 163 13.80 11.54 8.02
CA SER A 163 14.11 11.16 9.40
C SER A 163 12.92 11.45 10.31
N HIS A 164 12.80 10.66 11.36
CA HIS A 164 11.75 10.87 12.35
C HIS A 164 11.85 12.28 12.94
N ARG A 165 13.08 12.71 13.23
CA ARG A 165 13.35 14.07 13.70
C ARG A 165 12.66 15.11 12.82
N GLU A 166 12.93 15.02 11.52
CA GLU A 166 12.41 15.97 10.56
C GLU A 166 10.89 15.85 10.45
N CYS A 167 10.37 14.62 10.41
CA CYS A 167 8.93 14.45 10.24
C CYS A 167 8.12 14.86 11.48
N GLN A 168 8.74 14.80 12.66
CA GLN A 168 8.09 15.18 13.92
C GLN A 168 8.19 16.67 14.24
N GLN A 169 8.76 17.48 13.38
CA GLN A 169 8.73 18.92 13.62
C GLN A 169 7.29 19.37 13.52
N PRO A 170 6.89 20.45 14.22
CA PRO A 170 5.56 21.03 14.31
C PRO A 170 5.00 21.48 13.00
N HIS A 171 5.84 22.01 12.13
CA HIS A 171 5.45 22.35 10.79
C HIS A 171 5.17 21.19 9.87
N TYR A 172 5.70 20.03 10.20
CA TYR A 172 5.43 18.83 9.46
C TYR A 172 4.24 18.16 10.18
N TYR A 173 4.45 17.08 10.90
CA TYR A 173 3.36 16.38 11.58
C TYR A 173 3.34 16.30 13.11
N GLY A 174 4.37 16.79 13.77
CA GLY A 174 4.46 16.71 15.21
C GLY A 174 4.35 15.32 15.75
N SER A 175 3.63 15.14 16.83
CA SER A 175 3.42 13.83 17.45
C SER A 175 2.63 12.82 16.61
N GLU A 176 2.00 13.28 15.54
CA GLU A 176 1.11 12.43 14.75
C GLU A 176 1.88 11.26 14.13
N VAL A 177 3.14 11.51 13.79
CA VAL A 177 4.03 10.47 13.32
C VAL A 177 4.69 9.79 14.53
N THR A 178 4.63 8.46 14.55
CA THR A 178 5.17 7.66 15.64
C THR A 178 6.31 6.80 15.10
N THR A 179 6.96 6.05 15.99
CA THR A 179 8.03 5.16 15.60
C THR A 179 7.55 3.93 14.84
N LYS A 180 6.23 3.69 14.81
CA LYS A 180 5.66 2.64 14.00
C LYS A 180 5.29 3.16 12.60
N MET A 181 5.68 4.39 12.29
CA MET A 181 5.44 5.00 10.98
C MET A 181 6.75 5.45 10.37
N LEU A 182 6.78 5.57 9.03
CA LEU A 182 7.89 6.19 8.31
C LEU A 182 7.32 7.29 7.43
N CYS A 183 8.08 8.38 7.28
CA CYS A 183 7.72 9.42 6.34
C CYS A 183 8.61 9.36 5.11
N ALA A 184 8.06 9.76 3.98
CA ALA A 184 8.84 9.82 2.75
C ALA A 184 8.26 10.93 1.88
N ALA A 185 9.15 11.59 1.17
CA ALA A 185 8.76 12.69 0.35
C ALA A 185 9.78 13.08 -0.70
N ASP A 186 9.36 13.94 -1.62
CA ASP A 186 10.20 14.47 -2.66
C ASP A 186 10.74 15.78 -2.13
N PRO A 187 12.02 16.11 -2.42
CA PRO A 187 12.70 17.34 -2.00
C PRO A 187 12.05 18.64 -2.52
N GLN A 188 11.39 18.54 -3.67
CA GLN A 188 10.59 19.63 -4.21
C GLN A 188 9.10 19.48 -3.94
N TRP A 189 8.71 18.42 -3.24
CA TRP A 189 7.32 18.10 -2.90
C TRP A 189 6.48 17.95 -4.15
N LYS A 190 7.09 17.47 -5.22
CA LYS A 190 6.45 17.49 -6.54
C LYS A 190 5.77 16.17 -6.90
N THR A 191 6.05 15.10 -6.15
CA THR A 191 5.50 13.77 -6.42
C THR A 191 5.23 13.10 -5.06
N ASP A 192 4.20 12.27 -4.98
CA ASP A 192 3.71 11.77 -3.68
C ASP A 192 2.67 10.71 -3.92
N SER A 193 2.33 9.98 -2.85
CA SER A 193 1.12 9.16 -2.84
C SER A 193 -0.08 10.05 -2.58
N CYS A 194 -1.26 9.52 -2.83
CA CYS A 194 -2.49 10.27 -2.62
C CYS A 194 -3.65 9.31 -2.31
N GLN A 195 -4.84 9.87 -2.12
CA GLN A 195 -6.03 9.07 -1.95
C GLN A 195 -6.14 8.03 -3.06
N GLY A 196 -6.43 6.79 -2.67
CA GLY A 196 -6.50 5.66 -3.59
C GLY A 196 -5.21 4.84 -3.65
N ASP A 197 -4.10 5.43 -3.19
CA ASP A 197 -2.83 4.69 -3.07
C ASP A 197 -2.67 3.96 -1.73
N SER A 198 -3.56 4.21 -0.78
CA SER A 198 -3.47 3.58 0.54
C SER A 198 -3.38 2.07 0.40
N GLY A 199 -2.64 1.45 1.30
CA GLY A 199 -2.51 0.00 1.31
C GLY A 199 -1.39 -0.50 0.41
N GLY A 200 -0.97 0.32 -0.55
CA GLY A 200 0.09 -0.05 -1.49
C GLY A 200 1.50 -0.01 -0.93
N PRO A 201 2.46 -0.53 -1.72
CA PRO A 201 3.82 -0.72 -1.27
C PRO A 201 4.73 0.50 -1.34
N LEU A 202 5.54 0.66 -0.31
CA LEU A 202 6.74 1.49 -0.35
C LEU A 202 7.89 0.50 -0.35
N VAL A 203 8.61 0.45 -1.47
CA VAL A 203 9.64 -0.58 -1.68
C VAL A 203 11.02 0.05 -1.72
N CYS A 204 11.94 -0.49 -0.92
CA CYS A 204 13.32 -0.01 -0.90
C CYS A 204 14.25 -1.18 -1.12
N SER A 205 15.43 -0.89 -1.66
CA SER A 205 16.48 -1.89 -1.81
C SER A 205 17.26 -1.95 -0.51
N LEU A 206 17.23 -3.11 0.13
CA LEU A 206 17.84 -3.28 1.43
C LEU A 206 18.58 -4.60 1.44
N GLN A 207 19.75 -4.60 2.05
CA GLN A 207 20.79 -5.57 1.71
C GLN A 207 21.00 -5.35 0.22
N GLY A 208 20.75 -6.33 -0.64
CA GLY A 208 20.66 -6.11 -2.09
C GLY A 208 19.34 -6.63 -2.60
N ARG A 209 18.26 -6.25 -1.91
CA ARG A 209 16.98 -6.96 -2.03
C ARG A 209 15.83 -5.96 -2.06
N MET A 210 14.90 -6.06 -3.02
CA MET A 210 13.70 -5.22 -3.00
C MET A 210 12.86 -5.70 -1.83
N THR A 211 12.49 -4.77 -0.97
CA THR A 211 11.92 -5.08 0.33
C THR A 211 10.73 -4.19 0.64
N LEU A 212 9.66 -4.76 1.19
CA LEU A 212 8.49 -3.96 1.57
C LEU A 212 8.75 -3.18 2.84
N THR A 213 9.23 -1.96 2.69
CA THR A 213 9.62 -1.14 3.83
C THR A 213 8.40 -0.47 4.47
N GLY A 214 7.43 -0.10 3.65
CA GLY A 214 6.26 0.62 4.12
C GLY A 214 4.97 0.28 3.40
N ILE A 215 3.86 0.69 4.01
CA ILE A 215 2.53 0.59 3.43
C ILE A 215 1.90 1.99 3.45
N VAL A 216 1.43 2.47 2.30
CA VAL A 216 0.84 3.81 2.19
C VAL A 216 -0.30 3.89 3.20
N SER A 217 -0.28 4.91 4.05
CA SER A 217 -1.23 5.03 5.13
C SER A 217 -1.97 6.37 5.16
N TRP A 218 -1.25 7.49 5.23
CA TRP A 218 -1.89 8.79 5.33
C TRP A 218 -0.99 9.97 4.99
N GLY A 219 -1.63 11.11 4.88
CA GLY A 219 -0.94 12.35 4.70
C GLY A 219 -1.90 13.52 4.75
N ARG A 220 -1.40 14.73 4.92
CA ARG A 220 -2.27 15.88 4.89
C ARG A 220 -2.15 16.36 3.49
N GLY A 221 -3.22 16.13 2.73
CA GLY A 221 -3.31 16.42 1.31
C GLY A 221 -2.33 15.53 0.56
N CYS A 222 -1.92 15.93 -0.64
CA CYS A 222 -0.92 15.22 -1.39
C CYS A 222 0.10 16.18 -2.04
N ALA A 223 1.36 15.81 -2.03
CA ALA A 223 2.42 16.61 -2.63
C ALA A 223 2.33 18.08 -2.18
N LEU A 224 2.09 18.26 -0.89
CA LEU A 224 2.04 19.56 -0.26
C LEU A 224 3.33 19.79 0.48
N LYS A 225 3.83 21.01 0.40
CA LYS A 225 5.08 21.37 1.04
C LYS A 225 4.96 21.13 2.55
N ASP A 226 5.98 20.50 3.11
CA ASP A 226 6.12 20.12 4.52
C ASP A 226 5.11 19.05 5.00
N LYS A 227 4.51 18.30 4.09
CA LYS A 227 3.55 17.30 4.49
C LYS A 227 3.89 16.00 3.77
N PRO A 228 4.85 15.27 4.28
CA PRO A 228 5.24 14.01 3.65
C PRO A 228 4.13 12.98 3.60
N GLY A 229 4.34 11.95 2.78
CA GLY A 229 3.56 10.75 2.88
C GLY A 229 3.98 10.01 4.12
N VAL A 230 3.02 9.38 4.77
CA VAL A 230 3.26 8.59 5.97
C VAL A 230 2.86 7.15 5.69
N TYR A 231 3.71 6.25 6.16
CA TYR A 231 3.68 4.85 5.83
C TYR A 231 3.77 4.03 7.10
N THR A 232 3.04 2.93 7.14
CA THR A 232 3.16 1.99 8.24
C THR A 232 4.55 1.34 8.13
N ARG A 233 5.27 1.29 9.24
CA ARG A 233 6.67 0.86 9.23
C ARG A 233 6.69 -0.66 9.40
N VAL A 234 6.80 -1.38 8.29
CA VAL A 234 6.55 -2.83 8.25
C VAL A 234 7.53 -3.59 9.17
N SER A 235 8.75 -3.07 9.30
CA SER A 235 9.78 -3.72 10.12
C SER A 235 9.44 -3.72 11.62
N HIS A 236 8.40 -2.98 12.02
CA HIS A 236 7.91 -2.98 13.41
C HIS A 236 6.67 -3.87 13.64
N PHE A 237 6.24 -4.60 12.61
CA PHE A 237 5.04 -5.44 12.69
C PHE A 237 5.30 -6.90 12.32
N LEU A 238 6.56 -7.35 12.30
CA LEU A 238 6.82 -8.72 11.83
C LEU A 238 6.16 -9.81 12.69
N PRO A 239 6.17 -9.64 14.03
CA PRO A 239 5.50 -10.65 14.85
C PRO A 239 4.00 -10.72 14.57
N TRP A 240 3.36 -9.56 14.42
CA TRP A 240 1.96 -9.50 14.04
C TRP A 240 1.74 -10.19 12.70
N ILE A 241 2.57 -9.86 11.70
CA ILE A 241 2.42 -10.47 10.38
C ILE A 241 2.59 -11.98 10.45
N ARG A 242 3.64 -12.43 11.12
CA ARG A 242 3.93 -13.87 11.24
C ARG A 242 2.84 -14.60 12.00
N SER A 243 2.37 -13.99 13.09
CA SER A 243 1.32 -14.61 13.90
C SER A 243 0.07 -14.83 13.09
N HIS A 244 -0.31 -13.88 12.23
CA HIS A 244 -1.56 -13.99 11.51
C HIS A 244 -1.45 -14.69 10.15
N THR A 245 -0.23 -15.04 9.74
CA THR A 245 -0.02 -15.79 8.49
C THR A 245 0.46 -17.24 8.67
N LYS A 246 0.93 -17.61 9.86
CA LYS A 246 1.52 -18.94 10.08
C LYS A 246 0.46 -20.02 10.30
C1 HMX B . -5.04 11.25 1.38
N1 HMX B . -5.01 8.93 1.75
C2 HMX B . -5.73 10.07 1.62
N2 HMX B . -3.71 11.26 1.26
C3 HMX B . -3.66 8.92 1.62
C4 HMX B . -3.00 10.13 1.40
C5 HMX B . -1.54 10.27 1.23
C6 HMX B . -7.93 11.21 2.02
C7 HMX B . -9.06 10.95 3.01
C8 HMX B . -8.54 10.53 4.37
C9 HMX B . -7.72 9.23 4.35
C10 HMX B . -8.09 8.26 3.22
C11 HMX B . -7.78 8.71 1.79
C12 HMX B . 0.18 11.92 1.09
O1 HMX B . -0.87 9.26 1.07
N5 HMX B . -1.09 11.53 1.25
N7 HMX B . 0.47 13.21 1.16
N6 HMX B . 1.14 11.03 0.86
CL1 HMX B . -5.80 12.85 1.15
N3 HMX B . -3.01 7.73 1.76
N4 HMX B . -7.12 10.01 1.80
S SO4 C . -7.71 5.30 0.23
O1 SO4 C . -7.53 4.00 -0.45
O2 SO4 C . -7.92 5.11 1.67
O3 SO4 C . -8.96 5.90 -0.34
O4 SO4 C . -6.52 6.11 -0.08
#